data_4TUT
# 
_entry.id   4TUT 
# 
_audit_conform.dict_name       mmcif_pdbx.dic 
_audit_conform.dict_version    5.383 
_audit_conform.dict_location   http://mmcif.pdb.org/dictionaries/ascii/mmcif_pdbx.dic 
# 
loop_
_database_2.database_id 
_database_2.database_code 
_database_2.pdbx_database_accession 
_database_2.pdbx_DOI 
PDB   4TUT         pdb_00004tut 10.2210/pdb4tut/pdb 
WWPDB D_1000202259 ?            ?                   
# 
loop_
_pdbx_audit_revision_history.ordinal 
_pdbx_audit_revision_history.data_content_type 
_pdbx_audit_revision_history.major_revision 
_pdbx_audit_revision_history.minor_revision 
_pdbx_audit_revision_history.revision_date 
1 'Structure model' 1 0 2015-05-27 
2 'Structure model' 1 1 2015-07-01 
3 'Structure model' 1 2 2017-11-22 
4 'Structure model' 1 3 2023-12-27 
# 
_pdbx_audit_revision_details.ordinal             1 
_pdbx_audit_revision_details.revision_ordinal    1 
_pdbx_audit_revision_details.data_content_type   'Structure model' 
_pdbx_audit_revision_details.provider            repository 
_pdbx_audit_revision_details.type                'Initial release' 
_pdbx_audit_revision_details.description         ? 
_pdbx_audit_revision_details.details             ? 
# 
loop_
_pdbx_audit_revision_group.ordinal 
_pdbx_audit_revision_group.revision_ordinal 
_pdbx_audit_revision_group.data_content_type 
_pdbx_audit_revision_group.group 
1 2 'Structure model' 'Structure summary'        
2 3 'Structure model' 'Database references'      
3 3 'Structure model' 'Derived calculations'     
4 3 'Structure model' 'Refinement description'   
5 3 'Structure model' 'Source and taxonomy'      
6 4 'Structure model' 'Data collection'          
7 4 'Structure model' 'Database references'      
8 4 'Structure model' 'Experimental preparation' 
# 
loop_
_pdbx_audit_revision_category.ordinal 
_pdbx_audit_revision_category.revision_ordinal 
_pdbx_audit_revision_category.data_content_type 
_pdbx_audit_revision_category.category 
1 3 'Structure model' citation              
2 3 'Structure model' pdbx_entity_src_syn   
3 3 'Structure model' pdbx_struct_oper_list 
4 3 'Structure model' software              
5 4 'Structure model' chem_comp_atom        
6 4 'Structure model' chem_comp_bond        
7 4 'Structure model' database_2            
8 4 'Structure model' exptl_crystal         
# 
loop_
_pdbx_audit_revision_item.ordinal 
_pdbx_audit_revision_item.revision_ordinal 
_pdbx_audit_revision_item.data_content_type 
_pdbx_audit_revision_item.item 
1 3 'Structure model' '_citation.journal_id_CSD'                  
2 3 'Structure model' '_pdbx_entity_src_syn.pdbx_alt_source_flag' 
3 3 'Structure model' '_pdbx_struct_oper_list.symmetry_operation' 
4 4 'Structure model' '_database_2.pdbx_DOI'                      
5 4 'Structure model' '_database_2.pdbx_database_accession'       
6 4 'Structure model' '_exptl_crystal.density_Matthews'           
# 
_pdbx_database_status.status_code                     REL 
_pdbx_database_status.status_code_sf                  REL 
_pdbx_database_status.status_code_mr                  ? 
_pdbx_database_status.entry_id                        4TUT 
_pdbx_database_status.recvd_initial_deposition_date   2014-06-24 
_pdbx_database_status.SG_entry                        N 
_pdbx_database_status.deposit_site                    RCSB 
_pdbx_database_status.process_site                    RCSB 
_pdbx_database_status.status_code_cs                  ? 
_pdbx_database_status.methods_development_category    ? 
_pdbx_database_status.pdb_format_compatible           Y 
_pdbx_database_status.status_code_nmr_data            ? 
# 
loop_
_pdbx_database_related.content_type 
_pdbx_database_related.db_id 
_pdbx_database_related.db_name 
_pdbx_database_related.details 
unspecified 4UBY PDB . 
unspecified 4UBZ PDB . 
unspecified 4W5L PDB . 
unspecified 4W5M PDB . 
unspecified 4W5P PDB . 
unspecified 4W5Y PDB . 
unspecified 4W67 PDB . 
unspecified 4W71 PDB . 
unspecified 4WBU PDB . 
unspecified 4WBV PDB . 
# 
loop_
_audit_author.name 
_audit_author.pdbx_ordinal 
'Yu, L.'     1 
'Lee, S.-J.' 2 
'Yee, V.'    3 
# 
_citation.abstract                  ? 
_citation.abstract_id_CAS           ? 
_citation.book_id_ISBN              ? 
_citation.book_publisher            ? 
_citation.book_publisher_city       ? 
_citation.book_title                ? 
_citation.coordinate_linkage        ? 
_citation.country                   US 
_citation.database_id_Medline       ? 
_citation.details                   ? 
_citation.id                        primary 
_citation.journal_abbrev            Biochemistry 
_citation.journal_id_ASTM           BICHAW 
_citation.journal_id_CSD            0033 
_citation.journal_id_ISSN           0006-2960 
_citation.journal_full              ? 
_citation.journal_issue             ? 
_citation.journal_volume            54 
_citation.language                  ? 
_citation.page_first                3640 
_citation.page_last                 3648 
_citation.title                     
'Crystal Structures of Polymorphic Prion Protein beta 1 Peptides Reveal Variable Steric Zipper Conformations.' 
_citation.year                      2015 
_citation.database_id_CSD           ? 
_citation.pdbx_database_id_DOI      10.1021/acs.biochem.5b00425 
_citation.pdbx_database_id_PubMed   25978088 
_citation.unpublished_flag          ? 
# 
loop_
_citation_author.citation_id 
_citation_author.name 
_citation_author.ordinal 
_citation_author.identifier_ORCID 
primary 'Yu, L.'    1 ? 
primary 'Lee, S.J.' 2 ? 
primary 'Yee, V.C.' 3 ? 
# 
loop_
_entity.id 
_entity.type 
_entity.src_method 
_entity.pdbx_description 
_entity.formula_weight 
_entity.pdbx_number_of_molecules 
_entity.pdbx_ec 
_entity.pdbx_mutation 
_entity.pdbx_fragment 
_entity.details 
1 polymer syn 'Prion peptide: GLY-GLY-TYR-MET-LEU-GLY' 596.698 1 ? ? ? ? 
2 water   nat water                                    18.015  5 ? ? ? ? 
# 
_entity_poly.entity_id                      1 
_entity_poly.type                           'polypeptide(L)' 
_entity_poly.nstd_linkage                   no 
_entity_poly.nstd_monomer                   no 
_entity_poly.pdbx_seq_one_letter_code       GGYMLG 
_entity_poly.pdbx_seq_one_letter_code_can   GGYMLG 
_entity_poly.pdbx_strand_id                 A 
_entity_poly.pdbx_target_identifier         ? 
# 
_pdbx_entity_nonpoly.entity_id   2 
_pdbx_entity_nonpoly.name        water 
_pdbx_entity_nonpoly.comp_id     HOH 
# 
loop_
_entity_poly_seq.entity_id 
_entity_poly_seq.num 
_entity_poly_seq.mon_id 
_entity_poly_seq.hetero 
1 1 GLY n 
1 2 GLY n 
1 3 TYR n 
1 4 MET n 
1 5 LEU n 
1 6 GLY n 
# 
_pdbx_entity_src_syn.entity_id              1 
_pdbx_entity_src_syn.pdbx_src_id            1 
_pdbx_entity_src_syn.pdbx_alt_source_flag   sample 
_pdbx_entity_src_syn.pdbx_beg_seq_num       1 
_pdbx_entity_src_syn.pdbx_end_seq_num       6 
_pdbx_entity_src_syn.organism_scientific    'synthetic construct' 
_pdbx_entity_src_syn.organism_common_name   ? 
_pdbx_entity_src_syn.ncbi_taxonomy_id       32630 
_pdbx_entity_src_syn.details                ? 
# 
loop_
_chem_comp.id 
_chem_comp.type 
_chem_comp.mon_nstd_flag 
_chem_comp.name 
_chem_comp.pdbx_synonyms 
_chem_comp.formula 
_chem_comp.formula_weight 
GLY 'peptide linking'   y GLYCINE    ? 'C2 H5 N O2'    75.067  
HOH non-polymer         . WATER      ? 'H2 O'          18.015  
LEU 'L-peptide linking' y LEUCINE    ? 'C6 H13 N O2'   131.173 
MET 'L-peptide linking' y METHIONINE ? 'C5 H11 N O2 S' 149.211 
TYR 'L-peptide linking' y TYROSINE   ? 'C9 H11 N O3'   181.189 
# 
loop_
_pdbx_poly_seq_scheme.asym_id 
_pdbx_poly_seq_scheme.entity_id 
_pdbx_poly_seq_scheme.seq_id 
_pdbx_poly_seq_scheme.mon_id 
_pdbx_poly_seq_scheme.ndb_seq_num 
_pdbx_poly_seq_scheme.pdb_seq_num 
_pdbx_poly_seq_scheme.auth_seq_num 
_pdbx_poly_seq_scheme.pdb_mon_id 
_pdbx_poly_seq_scheme.auth_mon_id 
_pdbx_poly_seq_scheme.pdb_strand_id 
_pdbx_poly_seq_scheme.pdb_ins_code 
_pdbx_poly_seq_scheme.hetero 
A 1 1 GLY 1 126 126 GLY GLY A . n 
A 1 2 GLY 2 127 127 GLY GLY A . n 
A 1 3 TYR 3 128 128 TYR TYR A . n 
A 1 4 MET 4 129 129 MET MET A . n 
A 1 5 LEU 5 130 130 LEU LEU A . n 
A 1 6 GLY 6 131 131 GLY GLY A . n 
# 
loop_
_pdbx_nonpoly_scheme.asym_id 
_pdbx_nonpoly_scheme.entity_id 
_pdbx_nonpoly_scheme.mon_id 
_pdbx_nonpoly_scheme.ndb_seq_num 
_pdbx_nonpoly_scheme.pdb_seq_num 
_pdbx_nonpoly_scheme.auth_seq_num 
_pdbx_nonpoly_scheme.pdb_mon_id 
_pdbx_nonpoly_scheme.auth_mon_id 
_pdbx_nonpoly_scheme.pdb_strand_id 
_pdbx_nonpoly_scheme.pdb_ins_code 
B 2 HOH 1 201 4 HOH HOH A . 
B 2 HOH 2 202 3 HOH HOH A . 
B 2 HOH 3 203 1 HOH HOH A . 
B 2 HOH 4 204 5 HOH HOH A . 
B 2 HOH 5 205 2 HOH HOH A . 
# 
loop_
_software.citation_id 
_software.classification 
_software.compiler_name 
_software.compiler_version 
_software.contact_author 
_software.contact_author_email 
_software.date 
_software.description 
_software.dependencies 
_software.hardware 
_software.language 
_software.location 
_software.mods 
_software.name 
_software.os 
_software.os_version 
_software.type 
_software.version 
_software.pdbx_ordinal 
? refinement        ? ? ? ? ? ? ? ? ? ? ? PHENIX      ? ? ? '(phenix.refine: 1.9_1692)' 1 
? 'data reduction'  ? ? ? ? ? ? ? ? ? ? ? HKL-3000    ? ? ? .                           2 
? 'data extraction' ? ? ? ? ? ? ? ? ? ? ? PDB_EXTRACT ? ? ? 3.14                        3 
? 'data reduction'  ? ? ? ? ? ? ? ? ? ? ? DENZO       ? ? ? .                           4 
? 'data scaling'    ? ? ? ? ? ? ? ? ? ? ? SCALEPACK   ? ? ? .                           5 
# 
_cell.length_a           10.395 
_cell.length_b           9.731 
_cell.length_c           17.382 
_cell.angle_alpha        90.000 
_cell.angle_beta         105.940 
_cell.angle_gamma        90.000 
_cell.entry_id           4TUT 
_cell.Z_PDB              2 
_cell.pdbx_unique_axis   ? 
# 
_symmetry.space_group_name_H-M             'P 1 21 1' 
_symmetry.entry_id                         4TUT 
_symmetry.Int_Tables_number                4 
_symmetry.pdbx_full_space_group_name_H-M   ? 
_symmetry.cell_setting                     ? 
# 
_exptl.absorpt_coefficient_mu     ? 
_exptl.absorpt_correction_T_max   ? 
_exptl.absorpt_correction_T_min   ? 
_exptl.absorpt_correction_type    ? 
_exptl.absorpt_process_details    ? 
_exptl.entry_id                   4TUT 
_exptl.crystals_number            1 
_exptl.details                    ? 
_exptl.method                     'X-RAY DIFFRACTION' 
_exptl.method_details             ? 
# 
_exptl_crystal.colour                      ? 
_exptl_crystal.density_diffrn              ? 
_exptl_crystal.density_Matthews            1.42 
_exptl_crystal.density_method              ? 
_exptl_crystal.density_percent_sol         ? 
_exptl_crystal.description                 ? 
_exptl_crystal.F_000                       ? 
_exptl_crystal.id                          1 
_exptl_crystal.preparation                 ? 
_exptl_crystal.size_max                    ? 
_exptl_crystal.size_mid                    ? 
_exptl_crystal.size_min                    ? 
_exptl_crystal.size_rad                    ? 
_exptl_crystal.colour_lustre               ? 
_exptl_crystal.colour_modifier             ? 
_exptl_crystal.colour_primary              ? 
_exptl_crystal.density_meas                ? 
_exptl_crystal.density_meas_esd            ? 
_exptl_crystal.density_meas_gt             ? 
_exptl_crystal.density_meas_lt             ? 
_exptl_crystal.density_meas_temp           ? 
_exptl_crystal.density_meas_temp_esd       ? 
_exptl_crystal.density_meas_temp_gt        ? 
_exptl_crystal.density_meas_temp_lt        ? 
_exptl_crystal.pdbx_crystal_image_url      ? 
_exptl_crystal.pdbx_crystal_image_format   ? 
_exptl_crystal.pdbx_mosaicity              ? 
_exptl_crystal.pdbx_mosaicity_esd          ? 
# 
_exptl_crystal_grow.apparatus       ? 
_exptl_crystal_grow.atmosphere      ? 
_exptl_crystal_grow.crystal_id      1 
_exptl_crystal_grow.details         ? 
_exptl_crystal_grow.method          'VAPOR DIFFUSION, SITTING DROP' 
_exptl_crystal_grow.method_ref      ? 
_exptl_crystal_grow.pH              6.5 
_exptl_crystal_grow.pressure        ? 
_exptl_crystal_grow.pressure_esd    ? 
_exptl_crystal_grow.seeding         ? 
_exptl_crystal_grow.seeding_ref     ? 
_exptl_crystal_grow.temp            293 
_exptl_crystal_grow.temp_details    ? 
_exptl_crystal_grow.temp_esd        ? 
_exptl_crystal_grow.time            ? 
_exptl_crystal_grow.pdbx_details    '0.1 M sodium cacodylate pH 6.5, 1.3 M sodium acetate, and 25 % ethylene glycol' 
_exptl_crystal_grow.pdbx_pH_range   ? 
# 
_diffrn.ambient_environment    ? 
_diffrn.ambient_temp           100 
_diffrn.ambient_temp_details   ? 
_diffrn.ambient_temp_esd       ? 
_diffrn.crystal_id             1 
_diffrn.crystal_support        ? 
_diffrn.crystal_treatment      ? 
_diffrn.details                ? 
_diffrn.id                     1 
_diffrn.ambient_pressure       ? 
_diffrn.ambient_pressure_esd   ? 
_diffrn.ambient_pressure_gt    ? 
_diffrn.ambient_pressure_lt    ? 
_diffrn.ambient_temp_gt        ? 
_diffrn.ambient_temp_lt        ? 
# 
_diffrn_detector.details                      ? 
_diffrn_detector.detector                     CCD 
_diffrn_detector.diffrn_id                    1 
_diffrn_detector.type                         'MARMOSAIC 300 mm CCD' 
_diffrn_detector.area_resol_mean              ? 
_diffrn_detector.dtime                        ? 
_diffrn_detector.pdbx_frames_total            ? 
_diffrn_detector.pdbx_collection_time_total   ? 
_diffrn_detector.pdbx_collection_date         2010-11-18 
# 
_diffrn_radiation.collimation                      ? 
_diffrn_radiation.diffrn_id                        1 
_diffrn_radiation.filter_edge                      ? 
_diffrn_radiation.inhomogeneity                    ? 
_diffrn_radiation.monochromator                    ? 
_diffrn_radiation.polarisn_norm                    ? 
_diffrn_radiation.polarisn_ratio                   ? 
_diffrn_radiation.probe                            ? 
_diffrn_radiation.type                             ? 
_diffrn_radiation.xray_symbol                      ? 
_diffrn_radiation.wavelength_id                    1 
_diffrn_radiation.pdbx_monochromatic_or_laue_m_l   M 
_diffrn_radiation.pdbx_wavelength_list             ? 
_diffrn_radiation.pdbx_wavelength                  ? 
_diffrn_radiation.pdbx_diffrn_protocol             'SINGLE WAVELENGTH' 
_diffrn_radiation.pdbx_analyzer                    ? 
_diffrn_radiation.pdbx_scattering_type             x-ray 
# 
_diffrn_radiation_wavelength.id           1 
_diffrn_radiation_wavelength.wavelength   0.72932 
_diffrn_radiation_wavelength.wt           1.0 
# 
_diffrn_source.current                     ? 
_diffrn_source.details                     ? 
_diffrn_source.diffrn_id                   1 
_diffrn_source.power                       ? 
_diffrn_source.size                        ? 
_diffrn_source.source                      SYNCHROTRON 
_diffrn_source.target                      ? 
_diffrn_source.type                        'APS BEAMLINE 23-ID-D' 
_diffrn_source.voltage                     ? 
_diffrn_source.take-off_angle              ? 
_diffrn_source.pdbx_wavelength_list        0.72932 
_diffrn_source.pdbx_wavelength             ? 
_diffrn_source.pdbx_synchrotron_beamline   23-ID-D 
_diffrn_source.pdbx_synchrotron_site       APS 
# 
_reflns.entry_id                     4TUT 
_reflns.pdbx_diffrn_id               1 
_reflns.pdbx_ordinal                 1 
_reflns.d_resolution_high            0.900 
_reflns.d_resolution_low             50.000 
_reflns.pdbx_number_measured_all     7403 
_reflns.number_obs                   1862 
_reflns.pdbx_Rmerge_I_obs            0.066 
_reflns.pdbx_netI_over_av_sigmaI     20.908 
_reflns.pdbx_netI_over_sigmaI        27.400 
_reflns.pdbx_chi_squared             1.019 
_reflns.pdbx_redundancy              4.000 
_reflns.percent_possible_obs         71.400 
_reflns.B_iso_Wilson_estimate        1.550 
_reflns.observed_criterion_sigma_I   ? 
_reflns.observed_criterion_sigma_F   ? 
_reflns.number_all                   ? 
_reflns.pdbx_Rsym_value              ? 
# 
loop_
_reflns_shell.pdbx_diffrn_id 
_reflns_shell.pdbx_ordinal 
_reflns_shell.d_res_high 
_reflns_shell.d_res_low 
_reflns_shell.number_measured_obs 
_reflns_shell.number_measured_all 
_reflns_shell.number_unique_obs 
_reflns_shell.pdbx_rejects 
_reflns_shell.Rmerge_I_obs 
_reflns_shell.meanI_over_sigI_obs 
_reflns_shell.pdbx_Rsym_value 
_reflns_shell.pdbx_chi_squared 
_reflns_shell.pdbx_redundancy 
_reflns_shell.percent_possible_obs 
_reflns_shell.pdbx_netI_over_sigmaI_obs 
_reflns_shell.number_possible 
_reflns_shell.number_unique_all 
_reflns_shell.Rmerge_F_all 
_reflns_shell.Rmerge_F_obs 
_reflns_shell.Rmerge_I_all 
_reflns_shell.meanI_over_sigI_all 
_reflns_shell.percent_possible_all 
_reflns_shell.pdbx_Rrim_I_all 
_reflns_shell.pdbx_Rpim_I_all 
_reflns_shell.pdbx_CC_half 
1 1  0.900 0.930  ? ? ? 0 0.068 ? ? 1.047 1.900 ? ? ? 82  ? ? ? ? 32.300 ? ? ? 
1 2  0.930 0.970  ? ? ? 0 0.070 ? ? 1.055 2.400 ? ? ? 130 ? ? ? ? 48.300 ? ? ? 
1 3  0.970 1.010  ? ? ? 0 0.068 ? ? 1.035 2.800 ? ? ? 135 ? ? ? ? 56.500 ? ? ? 
1 4  1.010 1.070  ? ? ? 0 0.070 ? ? 1.028 3.100 ? ? ? 165 ? ? ? ? 64.500 ? ? ? 
1 5  1.070 1.130  ? ? ? 0 0.060 ? ? 1.027 3.600 ? ? ? 202 ? ? ? ? 77.700 ? ? ? 
1 6  1.130 1.220  ? ? ? 0 0.059 ? ? 1.019 3.900 ? ? ? 209 ? ? ? ? 80.400 ? ? ? 
1 7  1.220 1.340  ? ? ? 0 0.068 ? ? 1.021 4.200 ? ? ? 212 ? ? ? ? 80.300 ? ? ? 
1 8  1.340 1.540  ? ? ? 0 0.068 ? ? 1.041 4.500 ? ? ? 230 ? ? ? ? 87.100 ? ? ? 
1 9  1.540 1.940  ? ? ? 0 0.067 ? ? 0.968 4.900 ? ? ? 237 ? ? ? ? 90.500 ? ? ? 
1 10 1.940 50.000 ? ? ? 0 0.067 ? ? 1.027 5.400 ? ? ? 260 ? ? ? ? 92.500 ? ? ? 
# 
_refine.entry_id                                 4TUT 
_refine.pdbx_refine_id                           'X-RAY DIFFRACTION' 
_refine.ls_d_res_high                            0.9000 
_refine.ls_d_res_low                             9.9960 
_refine.pdbx_ls_sigma_F                          2.320 
_refine.pdbx_data_cutoff_high_absF               ? 
_refine.pdbx_data_cutoff_low_absF                ? 
_refine.ls_percent_reflns_obs                    71.4800 
_refine.ls_number_reflns_obs                     1860 
_refine.ls_number_reflns_all                     ? 
_refine.pdbx_ls_cross_valid_method               'FREE R-VALUE' 
_refine.ls_matrix_type                           ? 
_refine.pdbx_R_Free_selection_details            'Random selection' 
_refine.details                                  ? 
_refine.ls_R_factor_all                          ? 
_refine.ls_R_factor_obs                          0.0712 
_refine.ls_R_factor_R_work                       0.0700 
_refine.ls_wR_factor_R_work                      ? 
_refine.ls_R_factor_R_free                       0.0980 
_refine.ls_wR_factor_R_free                      ? 
_refine.ls_percent_reflns_R_free                 4.3000 
_refine.ls_number_reflns_R_free                  80 
_refine.ls_number_reflns_R_work                  1780 
_refine.ls_R_factor_R_free_error                 ? 
_refine.B_iso_mean                               2.4970 
_refine.solvent_model_param_bsol                 ? 
_refine.solvent_model_param_ksol                 ? 
_refine.pdbx_isotropic_thermal_model             ? 
_refine.aniso_B[1][1]                            ? 
_refine.aniso_B[2][2]                            ? 
_refine.aniso_B[3][3]                            ? 
_refine.aniso_B[1][2]                            ? 
_refine.aniso_B[1][3]                            ? 
_refine.aniso_B[2][3]                            ? 
_refine.correlation_coeff_Fo_to_Fc               ? 
_refine.correlation_coeff_Fo_to_Fc_free          ? 
_refine.overall_SU_R_Cruickshank_DPI             ? 
_refine.pdbx_overall_SU_R_free_Cruickshank_DPI   ? 
_refine.pdbx_overall_SU_R_Blow_DPI               ? 
_refine.pdbx_overall_SU_R_free_Blow_DPI          ? 
_refine.overall_SU_R_free                        ? 
_refine.pdbx_overall_ESU_R                       ? 
_refine.pdbx_overall_ESU_R_Free                  ? 
_refine.overall_SU_ML                            0.0300 
_refine.overall_SU_B                             ? 
_refine.solvent_model_details                    'FLAT BULK SOLVENT MODEL' 
_refine.pdbx_solvent_vdw_probe_radii             1.1100 
_refine.pdbx_solvent_ion_probe_radii             ? 
_refine.pdbx_solvent_shrinkage_radii             0.9000 
_refine.ls_number_parameters                     ? 
_refine.ls_number_restraints                     ? 
_refine.pdbx_starting_model                      ? 
_refine.pdbx_method_to_determine_struct          'AB INITIO PHASING' 
_refine.pdbx_stereochemistry_target_values       ML 
_refine.pdbx_stereochem_target_val_spec_case     ? 
_refine.overall_FOM_work_R_set                   ? 
_refine.B_iso_max                                12.320 
_refine.B_iso_min                                1.310 
_refine.pdbx_overall_phase_error                 6.3000 
_refine.occupancy_max                            ? 
_refine.occupancy_min                            ? 
_refine.pdbx_diffrn_id                           1 
_refine.pdbx_TLS_residual_ADP_flag               ? 
_refine.pdbx_ls_sigma_I                          ? 
_refine.pdbx_data_cutoff_high_rms_absF           ? 
_refine.ls_R_factor_R_free_error_details         ? 
# 
_refine_hist.cycle_id                         final 
_refine_hist.pdbx_refine_id                   'X-RAY DIFFRACTION' 
_refine_hist.d_res_high                       0.9000 
_refine_hist.d_res_low                        9.9960 
_refine_hist.pdbx_number_atoms_ligand         0 
_refine_hist.number_atoms_solvent             5 
_refine_hist.number_atoms_total               46 
_refine_hist.pdbx_number_residues_total       6 
_refine_hist.pdbx_B_iso_mean_solvent          7.70 
_refine_hist.pdbx_number_atoms_protein        41 
_refine_hist.pdbx_number_atoms_nucleic_acid   0 
# 
loop_
_refine_ls_restr.pdbx_refine_id 
_refine_ls_restr.type 
_refine_ls_restr.number 
_refine_ls_restr.dev_ideal 
_refine_ls_restr.dev_ideal_target 
_refine_ls_restr.weight 
_refine_ls_restr.pdbx_restraint_function 
'X-RAY DIFFRACTION' f_bond_d           41 0.007 ? ? ? 
'X-RAY DIFFRACTION' f_angle_d          53 1.365 ? ? ? 
'X-RAY DIFFRACTION' f_chiral_restr     4  0.058 ? ? ? 
'X-RAY DIFFRACTION' f_plane_restr      7  0.010 ? ? ? 
'X-RAY DIFFRACTION' f_dihedral_angle_d 14 6.074 ? ? ? 
# 
_refine_ls_shell.d_res_high                       0.8996 
_refine_ls_shell.d_res_low                        ? 
_refine_ls_shell.pdbx_total_number_of_bins_used   1 
_refine_ls_shell.percent_reflns_obs               71.0000 
_refine_ls_shell.number_reflns_R_work             1780 
_refine_ls_shell.R_factor_all                     ? 
_refine_ls_shell.R_factor_R_work                  0.0700 
_refine_ls_shell.R_factor_R_free                  0.0980 
_refine_ls_shell.percent_reflns_R_free            ? 
_refine_ls_shell.number_reflns_R_free             80 
_refine_ls_shell.R_factor_R_free_error            ? 
_refine_ls_shell.number_reflns_all                1860 
_refine_ls_shell.number_reflns_obs                ? 
_refine_ls_shell.pdbx_refine_id                   'X-RAY DIFFRACTION' 
_refine_ls_shell.R_factor_obs                     ? 
# 
_struct.entry_id                     4TUT 
_struct.title                        'Structure of a Prion peptide' 
_struct.pdbx_model_details           ? 
_struct.pdbx_formula_weight          ? 
_struct.pdbx_formula_weight_method   ? 
_struct.pdbx_model_type_details      ? 
_struct.pdbx_CASP_flag               ? 
# 
_struct_keywords.entry_id        4TUT 
_struct_keywords.text            'prion peptide, MEMBRANE PROTEIN, DE NOVO PROTEIN' 
_struct_keywords.pdbx_keywords   'MEMBRANE PROTEIN, DE NOVO PROTEIN' 
# 
loop_
_struct_asym.id 
_struct_asym.pdbx_blank_PDB_chainid_flag 
_struct_asym.pdbx_modified 
_struct_asym.entity_id 
_struct_asym.details 
A N N 1 ? 
B N N 2 ? 
# 
_struct_ref.db_code                    4TUT 
_struct_ref.db_name                    PDB 
_struct_ref.details                    ? 
_struct_ref.entity_id                  1 
_struct_ref.id                         1 
_struct_ref.seq_align                  ? 
_struct_ref.seq_dif                    ? 
_struct_ref.pdbx_db_accession          4TUT 
_struct_ref.pdbx_seq_one_letter_code   ? 
_struct_ref.pdbx_align_begin           1 
_struct_ref.pdbx_align_end             ? 
_struct_ref.pdbx_db_isoform            ? 
# 
_struct_ref_seq.align_id                      1 
_struct_ref_seq.ref_id                        1 
_struct_ref_seq.pdbx_PDB_id_code              4TUT 
_struct_ref_seq.pdbx_strand_id                A 
_struct_ref_seq.seq_align_beg                 1 
_struct_ref_seq.pdbx_seq_align_beg_ins_code   ? 
_struct_ref_seq.seq_align_end                 6 
_struct_ref_seq.pdbx_seq_align_end_ins_code   ? 
_struct_ref_seq.pdbx_db_accession             4TUT 
_struct_ref_seq.db_align_beg                  126 
_struct_ref_seq.pdbx_db_align_beg_ins_code    ? 
_struct_ref_seq.db_align_end                  131 
_struct_ref_seq.pdbx_db_align_end_ins_code    ? 
_struct_ref_seq.pdbx_auth_seq_align_beg       126 
_struct_ref_seq.pdbx_auth_seq_align_end       131 
# 
_pdbx_struct_assembly.id                   1 
_pdbx_struct_assembly.details              author_and_software_defined_assembly 
_pdbx_struct_assembly.method_details       PISA 
_pdbx_struct_assembly.oligomeric_details   monomeric 
_pdbx_struct_assembly.oligomeric_count     1 
# 
loop_
_pdbx_struct_assembly_prop.biol_id 
_pdbx_struct_assembly_prop.type 
_pdbx_struct_assembly_prop.value 
_pdbx_struct_assembly_prop.details 
1 'ABSA (A^2)' 0   ? 
1 MORE         0   ? 
1 'SSA (A^2)'  880 ? 
# 
_pdbx_struct_assembly_gen.assembly_id       1 
_pdbx_struct_assembly_gen.oper_expression   1 
_pdbx_struct_assembly_gen.asym_id_list      A,B 
# 
_pdbx_struct_oper_list.id                   1 
_pdbx_struct_oper_list.type                 'identity operation' 
_pdbx_struct_oper_list.name                 1_555 
_pdbx_struct_oper_list.symmetry_operation   x,y,z 
_pdbx_struct_oper_list.matrix[1][1]         1.0000000000 
_pdbx_struct_oper_list.matrix[1][2]         0.0000000000 
_pdbx_struct_oper_list.matrix[1][3]         0.0000000000 
_pdbx_struct_oper_list.vector[1]            0.0000000000 
_pdbx_struct_oper_list.matrix[2][1]         0.0000000000 
_pdbx_struct_oper_list.matrix[2][2]         1.0000000000 
_pdbx_struct_oper_list.matrix[2][3]         0.0000000000 
_pdbx_struct_oper_list.vector[2]            0.0000000000 
_pdbx_struct_oper_list.matrix[3][1]         0.0000000000 
_pdbx_struct_oper_list.matrix[3][2]         0.0000000000 
_pdbx_struct_oper_list.matrix[3][3]         1.0000000000 
_pdbx_struct_oper_list.vector[3]            0.0000000000 
# 
_struct_biol.details                      'biological unit is the same as asym.' 
_struct_biol.id                           1 
_struct_biol.pdbx_parent_biol_id          ? 
_struct_biol.pdbx_formula_weight          ? 
_struct_biol.pdbx_formula_weight_method   ? 
_struct_biol.pdbx_aggregation_state       ? 
_struct_biol.pdbx_assembly_method         ? 
# 
loop_
_chem_comp_atom.comp_id 
_chem_comp_atom.atom_id 
_chem_comp_atom.type_symbol 
_chem_comp_atom.pdbx_aromatic_flag 
_chem_comp_atom.pdbx_stereo_config 
_chem_comp_atom.pdbx_ordinal 
GLY N    N N N 1  
GLY CA   C N N 2  
GLY C    C N N 3  
GLY O    O N N 4  
GLY OXT  O N N 5  
GLY H    H N N 6  
GLY H2   H N N 7  
GLY HA2  H N N 8  
GLY HA3  H N N 9  
GLY HXT  H N N 10 
HOH O    O N N 11 
HOH H1   H N N 12 
HOH H2   H N N 13 
LEU N    N N N 14 
LEU CA   C N S 15 
LEU C    C N N 16 
LEU O    O N N 17 
LEU CB   C N N 18 
LEU CG   C N N 19 
LEU CD1  C N N 20 
LEU CD2  C N N 21 
LEU OXT  O N N 22 
LEU H    H N N 23 
LEU H2   H N N 24 
LEU HA   H N N 25 
LEU HB2  H N N 26 
LEU HB3  H N N 27 
LEU HG   H N N 28 
LEU HD11 H N N 29 
LEU HD12 H N N 30 
LEU HD13 H N N 31 
LEU HD21 H N N 32 
LEU HD22 H N N 33 
LEU HD23 H N N 34 
LEU HXT  H N N 35 
MET N    N N N 36 
MET CA   C N S 37 
MET C    C N N 38 
MET O    O N N 39 
MET CB   C N N 40 
MET CG   C N N 41 
MET SD   S N N 42 
MET CE   C N N 43 
MET OXT  O N N 44 
MET H    H N N 45 
MET H2   H N N 46 
MET HA   H N N 47 
MET HB2  H N N 48 
MET HB3  H N N 49 
MET HG2  H N N 50 
MET HG3  H N N 51 
MET HE1  H N N 52 
MET HE2  H N N 53 
MET HE3  H N N 54 
MET HXT  H N N 55 
TYR N    N N N 56 
TYR CA   C N S 57 
TYR C    C N N 58 
TYR O    O N N 59 
TYR CB   C N N 60 
TYR CG   C Y N 61 
TYR CD1  C Y N 62 
TYR CD2  C Y N 63 
TYR CE1  C Y N 64 
TYR CE2  C Y N 65 
TYR CZ   C Y N 66 
TYR OH   O N N 67 
TYR OXT  O N N 68 
TYR H    H N N 69 
TYR H2   H N N 70 
TYR HA   H N N 71 
TYR HB2  H N N 72 
TYR HB3  H N N 73 
TYR HD1  H N N 74 
TYR HD2  H N N 75 
TYR HE1  H N N 76 
TYR HE2  H N N 77 
TYR HH   H N N 78 
TYR HXT  H N N 79 
# 
loop_
_chem_comp_bond.comp_id 
_chem_comp_bond.atom_id_1 
_chem_comp_bond.atom_id_2 
_chem_comp_bond.value_order 
_chem_comp_bond.pdbx_aromatic_flag 
_chem_comp_bond.pdbx_stereo_config 
_chem_comp_bond.pdbx_ordinal 
GLY N   CA   sing N N 1  
GLY N   H    sing N N 2  
GLY N   H2   sing N N 3  
GLY CA  C    sing N N 4  
GLY CA  HA2  sing N N 5  
GLY CA  HA3  sing N N 6  
GLY C   O    doub N N 7  
GLY C   OXT  sing N N 8  
GLY OXT HXT  sing N N 9  
HOH O   H1   sing N N 10 
HOH O   H2   sing N N 11 
LEU N   CA   sing N N 12 
LEU N   H    sing N N 13 
LEU N   H2   sing N N 14 
LEU CA  C    sing N N 15 
LEU CA  CB   sing N N 16 
LEU CA  HA   sing N N 17 
LEU C   O    doub N N 18 
LEU C   OXT  sing N N 19 
LEU CB  CG   sing N N 20 
LEU CB  HB2  sing N N 21 
LEU CB  HB3  sing N N 22 
LEU CG  CD1  sing N N 23 
LEU CG  CD2  sing N N 24 
LEU CG  HG   sing N N 25 
LEU CD1 HD11 sing N N 26 
LEU CD1 HD12 sing N N 27 
LEU CD1 HD13 sing N N 28 
LEU CD2 HD21 sing N N 29 
LEU CD2 HD22 sing N N 30 
LEU CD2 HD23 sing N N 31 
LEU OXT HXT  sing N N 32 
MET N   CA   sing N N 33 
MET N   H    sing N N 34 
MET N   H2   sing N N 35 
MET CA  C    sing N N 36 
MET CA  CB   sing N N 37 
MET CA  HA   sing N N 38 
MET C   O    doub N N 39 
MET C   OXT  sing N N 40 
MET CB  CG   sing N N 41 
MET CB  HB2  sing N N 42 
MET CB  HB3  sing N N 43 
MET CG  SD   sing N N 44 
MET CG  HG2  sing N N 45 
MET CG  HG3  sing N N 46 
MET SD  CE   sing N N 47 
MET CE  HE1  sing N N 48 
MET CE  HE2  sing N N 49 
MET CE  HE3  sing N N 50 
MET OXT HXT  sing N N 51 
TYR N   CA   sing N N 52 
TYR N   H    sing N N 53 
TYR N   H2   sing N N 54 
TYR CA  C    sing N N 55 
TYR CA  CB   sing N N 56 
TYR CA  HA   sing N N 57 
TYR C   O    doub N N 58 
TYR C   OXT  sing N N 59 
TYR CB  CG   sing N N 60 
TYR CB  HB2  sing N N 61 
TYR CB  HB3  sing N N 62 
TYR CG  CD1  doub Y N 63 
TYR CG  CD2  sing Y N 64 
TYR CD1 CE1  sing Y N 65 
TYR CD1 HD1  sing N N 66 
TYR CD2 CE2  doub Y N 67 
TYR CD2 HD2  sing N N 68 
TYR CE1 CZ   doub Y N 69 
TYR CE1 HE1  sing N N 70 
TYR CE2 CZ   sing Y N 71 
TYR CE2 HE2  sing N N 72 
TYR CZ  OH   sing N N 73 
TYR OH  HH   sing N N 74 
TYR OXT HXT  sing N N 75 
# 
_atom_sites.entry_id                    4TUT 
_atom_sites.fract_transf_matrix[1][1]   0.02395400 
_atom_sites.fract_transf_matrix[1][2]   0.04188026 
_atom_sites.fract_transf_matrix[1][3]   -0.08764266 
_atom_sites.fract_transf_matrix[2][1]   0.07548542 
_atom_sites.fract_transf_matrix[2][2]   0.05260723 
_atom_sites.fract_transf_matrix[2][3]   0.04576975 
_atom_sites.fract_transf_matrix[3][1]   0.04045981 
_atom_sites.fract_transf_matrix[3][2]   -0.03627880 
_atom_sites.fract_transf_matrix[3][3]   -0.02502961 
_atom_sites.fract_transf_vector[1]      1.482025 
_atom_sites.fract_transf_vector[2]      0.114805 
_atom_sites.fract_transf_vector[3]      0.984523 
# 
loop_
_atom_type.symbol 
C 
H 
N 
O 
S 
# 
loop_
_atom_site.group_PDB 
_atom_site.id 
_atom_site.type_symbol 
_atom_site.label_atom_id 
_atom_site.label_alt_id 
_atom_site.label_comp_id 
_atom_site.label_asym_id 
_atom_site.label_entity_id 
_atom_site.label_seq_id 
_atom_site.pdbx_PDB_ins_code 
_atom_site.Cartn_x 
_atom_site.Cartn_y 
_atom_site.Cartn_z 
_atom_site.occupancy 
_atom_site.B_iso_or_equiv 
_atom_site.pdbx_formal_charge 
_atom_site.auth_seq_id 
_atom_site.auth_comp_id 
_atom_site.auth_asym_id 
_atom_site.auth_atom_id 
_atom_site.pdbx_PDB_model_num 
ATOM   1  N N   . GLY A 1 1 ? 5.774  -0.321 -8.159 1.00 2.01  ? 126 GLY A N   1 
ATOM   2  C CA  . GLY A 1 1 ? 4.415  -0.253 -7.642 1.00 1.95  ? 126 GLY A CA  1 
ATOM   3  C C   . GLY A 1 1 ? 4.459  -0.096 -6.141 1.00 2.10  ? 126 GLY A C   1 
ATOM   4  O O   . GLY A 1 1 ? 5.508  0.214  -5.583 1.00 2.85  ? 126 GLY A O   1 
ATOM   5  N N   . GLY A 1 2 ? 3.332  -0.307 -5.477 1.00 1.73  ? 127 GLY A N   1 
ATOM   6  C CA  . GLY A 1 2 ? 3.299  -0.098 -4.046 1.00 1.89  ? 127 GLY A CA  1 
ATOM   7  C C   . GLY A 1 2 ? 1.987  -0.538 -3.454 1.00 1.67  ? 127 GLY A C   1 
ATOM   8  O O   . GLY A 1 2 ? 1.139  -1.097 -4.148 1.00 1.89  ? 127 GLY A O   1 
ATOM   9  N N   . TYR A 1 3 ? 1.819  -0.287 -2.163 1.00 1.31  ? 128 TYR A N   1 
ATOM   10 C CA  . TYR A 1 3 ? 0.638  -0.770 -1.459 1.00 1.33  ? 128 TYR A CA  1 
ATOM   11 C C   . TYR A 1 3 ? 0.471  0.044  -0.184 1.00 1.35  ? 128 TYR A C   1 
ATOM   12 O O   . TYR A 1 3 ? 1.419  0.678  0.303  1.00 1.38  ? 128 TYR A O   1 
ATOM   13 C CB  . TYR A 1 3 ? 0.747  -2.288 -1.143 1.00 1.46  ? 128 TYR A CB  1 
ATOM   14 C CG  . TYR A 1 3 ? 1.933  -2.572 -0.259 1.00 1.53  ? 128 TYR A CG  1 
ATOM   15 C CD1 . TYR A 1 3 ? 3.209  -2.717 -0.804 1.00 1.71  ? 128 TYR A CD1 1 
ATOM   16 C CD2 . TYR A 1 3 ? 1.797  -2.612 1.129  1.00 1.82  ? 128 TYR A CD2 1 
ATOM   17 C CE1 . TYR A 1 3 ? 4.315  -2.900 0.006  1.00 1.85  ? 128 TYR A CE1 1 
ATOM   18 C CE2 . TYR A 1 3 ? 2.898  -2.796 1.945  1.00 2.07  ? 128 TYR A CE2 1 
ATOM   19 C CZ  . TYR A 1 3 ? 4.152  -2.932 1.379  1.00 2.25  ? 128 TYR A CZ  1 
ATOM   20 O OH  . TYR A 1 3 ? 5.231  -3.089 2.206  1.00 2.82  ? 128 TYR A OH  1 
ATOM   21 N N   . MET A 1 4 ? -0.746 0.003  0.346  1.00 1.48  ? 129 MET A N   1 
ATOM   22 C CA  . MET A 1 4 ? -1.116 0.752  1.537  1.00 1.42  ? 129 MET A CA  1 
ATOM   23 C C   . MET A 1 4 ? -1.878 -0.148 2.505  1.00 1.41  ? 129 MET A C   1 
ATOM   24 O O   . MET A 1 4 ? -2.736 -0.940 2.085  1.00 1.48  ? 129 MET A O   1 
ATOM   25 C CB  . MET A 1 4 ? -1.963 1.974  1.163  1.00 1.64  ? 129 MET A CB  1 
ATOM   26 C CG  . MET A 1 4 ? -2.470 2.773  2.359  1.00 2.05  ? 129 MET A CG  1 
ATOM   27 S SD  . MET A 1 4 ? -3.306 4.305  1.883  1.00 2.53  ? 129 MET A SD  1 
ATOM   28 C CE  . MET A 1 4 ? -1.916 5.355  1.448  1.00 2.77  ? 129 MET A CE  1 
ATOM   29 N N   . LEU A 1 5 ? -1.528 -0.012 3.787  1.00 1.31  ? 130 LEU A N   1 
ATOM   30 C CA  . LEU A 1 5 ? -2.192 -0.689 4.898  1.00 1.44  ? 130 LEU A CA  1 
ATOM   31 C C   . LEU A 1 5 ? -2.924 0.342  5.749  1.00 1.51  ? 130 LEU A C   1 
ATOM   32 O O   . LEU A 1 5 ? -2.288 1.237  6.316  1.00 1.82  ? 130 LEU A O   1 
ATOM   33 C CB  . LEU A 1 5 ? -1.184 -1.431 5.777  1.00 1.84  ? 130 LEU A CB  1 
ATOM   34 C CG  . LEU A 1 5 ? -0.209 -2.395 5.101  1.00 2.34  ? 130 LEU A CG  1 
ATOM   35 C CD1 . LEU A 1 5 ? 0.677  -2.997 6.168  1.00 2.68  ? 130 LEU A CD1 1 
ATOM   36 C CD2 . LEU A 1 5 ? -0.941 -3.485 4.336  1.00 2.98  ? 130 LEU A CD2 1 
ATOM   37 N N   . GLY A 1 6 ? -4.246 0.208  5.847  1.00 1.62  ? 131 GLY A N   1 
ATOM   38 C CA  . GLY A 1 6 ? -5.044 1.058  6.712  1.00 1.77  ? 131 GLY A CA  1 
ATOM   39 C C   . GLY A 1 6 ? -5.776 0.291  7.797  1.00 1.61  ? 131 GLY A C   1 
ATOM   40 O O   . GLY A 1 6 ? -5.996 -0.928 7.665  1.00 1.63  ? 131 GLY A O   1 
ATOM   41 O OXT . GLY A 1 6 ? -6.166 0.918  8.796  1.00 2.06  ? 131 GLY A OXT 1 
HETATM 42 O O   . HOH B 2 . ? -2.868 3.923  5.876  1.00 7.45  ? 201 HOH A O   1 
HETATM 43 O O   . HOH B 2 . ? 6.241  -2.755 -6.787 1.00 9.38  ? 202 HOH A O   1 
HETATM 44 O O   . HOH B 2 . ? 4.834  -2.583 -9.933 1.00 2.59  ? 203 HOH A O   1 
HETATM 45 O O   . HOH B 2 . ? 6.962  -1.578 -3.184 1.00 12.32 ? 204 HOH A O   1 
HETATM 46 O O   . HOH B 2 . ? 4.502  -3.231 -3.858 1.00 6.76  ? 205 HOH A O   1 
# 
loop_
_atom_site_anisotrop.id 
_atom_site_anisotrop.type_symbol 
_atom_site_anisotrop.pdbx_label_atom_id 
_atom_site_anisotrop.pdbx_label_alt_id 
_atom_site_anisotrop.pdbx_label_comp_id 
_atom_site_anisotrop.pdbx_label_asym_id 
_atom_site_anisotrop.pdbx_label_seq_id 
_atom_site_anisotrop.pdbx_PDB_ins_code 
_atom_site_anisotrop.U[1][1] 
_atom_site_anisotrop.U[2][2] 
_atom_site_anisotrop.U[3][3] 
_atom_site_anisotrop.U[1][2] 
_atom_site_anisotrop.U[1][3] 
_atom_site_anisotrop.U[2][3] 
_atom_site_anisotrop.pdbx_auth_seq_id 
_atom_site_anisotrop.pdbx_auth_comp_id 
_atom_site_anisotrop.pdbx_auth_asym_id 
_atom_site_anisotrop.pdbx_auth_atom_id 
1  N N   . GLY A 1 ? 0.0201 0.0353 0.0209 -0.0064 0.0090  -0.0066 126 GLY A N   
2  C CA  . GLY A 1 ? 0.0209 0.0345 0.0187 -0.0067 0.0094  -0.0060 126 GLY A CA  
3  C C   . GLY A 1 ? 0.0224 0.0374 0.0199 -0.0077 0.0077  -0.0059 126 GLY A C   
4  O O   . GLY A 1 ? 0.0259 0.0566 0.0259 -0.0106 0.0099  -0.0100 126 GLY A O   
5  N N   . GLY A 2 ? 0.0202 0.0335 0.0120 -0.0043 0.0056  -0.0041 127 GLY A N   
6  C CA  . GLY A 2 ? 0.0203 0.0370 0.0144 -0.0059 0.0060  -0.0044 127 GLY A CA  
7  C C   . GLY A 2 ? 0.0188 0.0279 0.0167 -0.0059 -0.0005 -0.0020 127 GLY A C   
8  O O   . GLY A 2 ? 0.0186 0.0344 0.0190 -0.0074 -0.0047 -0.0040 127 GLY A O   
9  N N   . TYR A 3 ? 0.0159 0.0199 0.0141 -0.0058 0.0012  0.0016  128 TYR A N   
10 C CA  . TYR A 3 ? 0.0168 0.0207 0.0131 -0.0045 -0.0001 0.0013  128 TYR A CA  
11 C C   . TYR A 3 ? 0.0207 0.0195 0.0112 -0.0028 0.0003  0.0019  128 TYR A C   
12 O O   . TYR A 3 ? 0.0181 0.0219 0.0125 -0.0020 0.0006  -0.0001 128 TYR A O   
13 C CB  . TYR A 3 ? 0.0204 0.0178 0.0173 -0.0042 -0.0038 -0.0008 128 TYR A CB  
14 C CG  . TYR A 3 ? 0.0249 0.0127 0.0205 -0.0031 -0.0008 -0.0014 128 TYR A CG  
15 C CD1 . TYR A 3 ? 0.0287 0.0155 0.0209 0.0025  -0.0039 -0.0013 128 TYR A CD1 
16 C CD2 . TYR A 3 ? 0.0289 0.0192 0.0211 0.0008  -0.0031 -0.0002 128 TYR A CD2 
17 C CE1 . TYR A 3 ? 0.0300 0.0193 0.0208 0.0058  -0.0071 -0.0035 128 TYR A CE1 
18 C CE2 . TYR A 3 ? 0.0308 0.0248 0.0228 0.0052  -0.0061 -0.0021 128 TYR A CE2 
19 C CZ  . TYR A 3 ? 0.0340 0.0270 0.0244 0.0105  -0.0098 -0.0050 128 TYR A CZ  
20 O OH  . TYR A 3 ? 0.0334 0.0424 0.0314 0.0184  -0.0125 -0.0051 128 TYR A OH  
21 N N   . MET A 4 ? 0.0178 0.0240 0.0142 -0.0015 0.0034  0.0012  129 MET A N   
22 C CA  . MET A 4 ? 0.0182 0.0210 0.0147 0.0000  0.0034  0.0006  129 MET A CA  
23 C C   . MET A 4 ? 0.0182 0.0194 0.0160 -0.0014 0.0010  0.0003  129 MET A C   
24 O O   . MET A 4 ? 0.0173 0.0213 0.0175 -0.0062 0.0017  -0.0008 129 MET A O   
25 C CB  . MET A 4 ? 0.0208 0.0202 0.0210 0.0060  0.0001  0.0024  129 MET A CB  
26 C CG  . MET A 4 ? 0.0236 0.0188 0.0356 0.0068  0.0001  0.0047  129 MET A CG  
27 S SD  . MET A 4 ? 0.0244 0.0215 0.0503 0.0052  -0.0031 0.0063  129 MET A SD  
28 C CE  . MET A 4 ? 0.0301 0.0260 0.0491 0.0029  0.0022  0.0067  129 MET A CE  
29 N N   . LEU A 5 ? 0.0171 0.0205 0.0123 -0.0023 0.0035  0.0024  130 LEU A N   
30 C CA  . LEU A 5 ? 0.0186 0.0215 0.0146 -0.0046 0.0041  0.0024  130 LEU A CA  
31 C C   . LEU A 5 ? 0.0216 0.0220 0.0137 -0.0056 0.0044  0.0015  130 LEU A C   
32 O O   . LEU A 5 ? 0.0263 0.0250 0.0180 -0.0070 0.0033  -0.0051 130 LEU A O   
33 C CB  . LEU A 5 ? 0.0251 0.0242 0.0207 0.0017  -0.0003 0.0019  130 LEU A CB  
34 C CG  . LEU A 5 ? 0.0284 0.0267 0.0339 0.0060  -0.0060 0.0032  130 LEU A CG  
35 C CD1 . LEU A 5 ? 0.0356 0.0244 0.0420 0.0069  -0.0073 0.0034  130 LEU A CD1 
36 C CD2 . LEU A 5 ? 0.0352 0.0313 0.0467 0.0083  -0.0103 -0.0037 130 LEU A CD2 
37 N N   . GLY A 6 ? 0.0228 0.0231 0.0155 -0.0022 0.0052  0.0011  131 GLY A N   
38 C CA  . GLY A 6 ? 0.0259 0.0243 0.0174 -0.0003 0.0068  -0.0003 131 GLY A CA  
39 C C   . GLY A 6 ? 0.0226 0.0212 0.0174 -0.0045 0.0040  -0.0008 131 GLY A C   
40 O O   . GLY A 6 ? 0.0273 0.0171 0.0176 -0.0045 0.0010  -0.0004 131 GLY A O   
41 O OXT . GLY A 6 ? 0.0295 0.0259 0.0228 -0.0038 0.0082  -0.0033 131 GLY A OXT 
42 O O   . HOH B . ? 0.1570 0.0467 0.0796 -0.0062 0.0258  0.0114  201 HOH A O   
43 O O   . HOH B . ? 0.0886 0.1052 0.1628 0.0351  0.0545  0.0684  202 HOH A O   
44 O O   . HOH B . ? 0.0321 0.0391 0.0272 -0.0121 -0.0004 -0.0051 203 HOH A O   
45 O O   . HOH B . ? 0.2048 0.1056 0.1575 -0.0339 0.0423  0.0395  204 HOH A O   
46 O O   . HOH B . ? 0.1096 0.0639 0.0833 0.0401  -0.0052 -0.0148 205 HOH A O   
# 
